data_5E9V
#
_entry.id   5E9V
#
_cell.length_a   58.381
_cell.length_b   37.960
_cell.length_c   60.551
_cell.angle_alpha   90.00
_cell.angle_beta   106.17
_cell.angle_gamma   90.00
#
_symmetry.space_group_name_H-M   'P 1 21 1'
#
loop_
_entity.id
_entity.type
_entity.pdbx_description
1 polymer 'Bromodomain-containing protein 9'
2 non-polymer 1-[1-(imidazo[1,2-a]pyridin-5-yl)-7-(morpholin-4-yl)indolizin-3-yl]ethanone
3 non-polymer 1,2-ETHANEDIOL
4 water water
#
_entity_poly.entity_id   1
_entity_poly.type   'polypeptide(L)'
_entity_poly.pdbx_seq_one_letter_code
;SMLKLSAENESTPIQQLLEHFLRQLQRKDPHGFFAFPVTDAIAPGYSMIIKHPMDFGTMKDKIVANEYKSVTEFKADFKL
MCDNAMTYNRPDTVYYKLAKKILHAGFKMMSKERLLALKRSMS
;
_entity_poly.pdbx_strand_id   A,B
#
# COMPACT_ATOMS: atom_id res chain seq x y z
N SER A 11 -11.88 1.78 -14.75
CA SER A 11 -12.25 2.13 -13.35
C SER A 11 -13.62 1.54 -12.99
N THR A 12 -13.86 1.39 -11.70
CA THR A 12 -15.11 0.86 -11.24
C THR A 12 -15.85 2.02 -10.63
N PRO A 13 -17.14 1.80 -10.40
CA PRO A 13 -17.93 2.80 -9.76
C PRO A 13 -17.46 3.11 -8.34
N ILE A 14 -16.96 2.11 -7.62
CA ILE A 14 -16.47 2.40 -6.26
C ILE A 14 -15.19 3.23 -6.31
N GLN A 15 -14.24 2.93 -7.20
CA GLN A 15 -13.07 3.77 -7.36
C GLN A 15 -13.47 5.21 -7.66
N GLN A 16 -14.48 5.41 -8.51
CA GLN A 16 -14.90 6.80 -8.85
C GLN A 16 -15.48 7.53 -7.65
N LEU A 17 -16.27 6.83 -6.85
CA LEU A 17 -16.88 7.39 -5.66
C LEU A 17 -15.80 7.81 -4.65
N LEU A 18 -14.82 6.92 -4.43
CA LEU A 18 -13.74 7.23 -3.53
C LEU A 18 -12.86 8.39 -4.01
N GLU A 19 -12.60 8.44 -5.33
CA GLU A 19 -11.84 9.57 -5.93
C GLU A 19 -12.59 10.88 -5.70
N HIS A 20 -13.91 10.84 -5.78
CA HIS A 20 -14.75 12.02 -5.46
C HIS A 20 -14.59 12.46 -4.02
N PHE A 21 -14.76 11.54 -3.06
CA PHE A 21 -14.59 11.90 -1.69
C PHE A 21 -13.19 12.44 -1.42
N LEU A 22 -12.17 11.81 -1.99
CA LEU A 22 -10.80 12.23 -1.76
C LEU A 22 -10.53 13.62 -2.33
N ARG A 23 -11.05 13.88 -3.52
CA ARG A 23 -10.94 15.19 -4.15
C ARG A 23 -11.58 16.25 -3.24
N GLN A 24 -12.76 15.96 -2.68
CA GLN A 24 -13.50 16.95 -1.86
C GLN A 24 -12.75 17.23 -0.56
N LEU A 25 -12.18 16.18 0.03
CA LEU A 25 -11.32 16.36 1.20
C LEU A 25 -10.06 17.17 0.91
N GLN A 26 -9.34 16.83 -0.15
CA GLN A 26 -8.07 17.50 -0.48
C GLN A 26 -8.29 18.96 -0.82
N ARG A 27 -9.45 19.29 -1.35
CA ARG A 27 -9.84 20.70 -1.51
C ARG A 27 -9.74 21.51 -0.23
N LYS A 28 -9.84 20.87 0.93
CA LYS A 28 -9.72 21.55 2.20
C LYS A 28 -8.30 21.67 2.77
N ASP A 29 -7.33 21.12 2.05
CA ASP A 29 -5.90 21.24 2.34
C ASP A 29 -5.18 21.90 1.14
N PRO A 30 -5.46 23.20 0.94
CA PRO A 30 -4.86 23.98 -0.15
C PRO A 30 -3.33 23.90 -0.24
N HIS A 31 -2.67 23.96 0.90
CA HIS A 31 -1.21 23.94 0.94
C HIS A 31 -0.65 22.55 0.71
N GLY A 32 -1.44 21.51 0.89
CA GLY A 32 -0.89 20.17 0.70
C GLY A 32 -0.11 19.64 1.88
N PHE A 33 -0.47 20.07 3.07
CA PHE A 33 0.09 19.45 4.28
C PHE A 33 -0.11 17.95 4.42
N PHE A 34 -1.23 17.46 3.88
CA PHE A 34 -1.60 16.06 3.98
C PHE A 34 -1.44 15.33 2.63
N ALA A 35 -0.90 16.03 1.63
CA ALA A 35 -0.86 15.51 0.24
C ALA A 35 0.23 14.44 0.02
N PHE A 36 1.30 14.51 0.80
CA PHE A 36 2.42 13.58 0.63
C PHE A 36 2.86 13.03 2.01
N PRO A 37 3.58 11.90 2.02
CA PRO A 37 4.05 11.38 3.30
C PRO A 37 4.93 12.38 4.06
N VAL A 38 4.87 12.27 5.39
CA VAL A 38 5.68 13.09 6.30
C VAL A 38 7.03 12.38 6.49
N THR A 39 8.06 12.94 5.86
CA THR A 39 9.44 12.42 5.98
C THR A 39 10.13 13.02 7.21
N ASP A 40 11.15 12.33 7.71
CA ASP A 40 11.89 12.80 8.88
C ASP A 40 12.68 14.08 8.61
N ALA A 41 13.05 14.31 7.36
CA ALA A 41 13.62 15.60 6.95
C ALA A 41 12.62 16.73 7.22
N ILE A 42 11.37 16.55 6.78
CA ILE A 42 10.32 17.54 7.01
C ILE A 42 9.98 17.64 8.51
N ALA A 43 9.90 16.48 9.17
CA ALA A 43 9.49 16.43 10.58
C ALA A 43 10.42 15.57 11.42
N PRO A 44 11.41 16.22 12.07
CA PRO A 44 12.39 15.46 12.86
C PRO A 44 11.78 14.42 13.81
N GLY A 45 12.21 13.18 13.66
CA GLY A 45 11.76 12.07 14.52
C GLY A 45 10.31 11.62 14.38
N TYR A 46 9.62 12.10 13.35
CA TYR A 46 8.24 11.67 13.06
C TYR A 46 8.15 10.15 13.15
N SER A 47 9.03 9.46 12.42
CA SER A 47 9.01 8.02 12.35
C SER A 47 9.15 7.36 13.69
N MET A 48 9.76 8.05 14.66
CA MET A 48 9.84 7.52 16.02
C MET A 48 8.51 7.56 16.77
N ILE A 49 7.65 8.52 16.45
CA ILE A 49 6.37 8.67 17.14
C ILE A 49 5.21 8.01 16.42
N ILE A 50 5.15 8.21 15.11
CA ILE A 50 4.01 7.74 14.32
C ILE A 50 4.41 6.45 13.62
N LYS A 51 3.74 5.38 14.02
CA LYS A 51 4.07 4.01 13.58
C LYS A 51 3.33 3.55 12.33
N HIS A 52 2.17 4.15 12.06
CA HIS A 52 1.34 3.77 10.91
C HIS A 52 0.96 5.01 10.13
N PRO A 53 1.90 5.55 9.36
CA PRO A 53 1.70 6.81 8.69
C PRO A 53 0.64 6.72 7.59
N MET A 54 0.02 7.86 7.29
CA MET A 54 -0.97 7.89 6.20
C MET A 54 -1.08 9.30 5.71
N ASP A 55 -1.41 9.47 4.44
CA ASP A 55 -1.52 10.78 3.81
C ASP A 55 -2.42 10.62 2.57
N PHE A 56 -2.94 11.71 2.02
CA PHE A 56 -3.84 11.63 0.86
C PHE A 56 -3.26 10.91 -0.39
N GLY A 57 -1.95 11.05 -0.62
CA GLY A 57 -1.31 10.44 -1.74
C GLY A 57 -1.25 8.93 -1.68
N THR A 58 -0.96 8.40 -0.50
CA THR A 58 -1.04 6.98 -0.26
C THR A 58 -2.46 6.43 -0.46
N MET A 59 -3.46 7.21 -0.03
CA MET A 59 -4.84 6.84 -0.21
C MET A 59 -5.23 6.82 -1.68
N LYS A 60 -4.86 7.82 -2.46
CA LYS A 60 -5.08 7.79 -3.89
C LYS A 60 -4.47 6.54 -4.55
N ASP A 61 -3.25 6.19 -4.16
CA ASP A 61 -2.57 5.01 -4.74
C ASP A 61 -3.35 3.72 -4.41
N LYS A 62 -3.95 3.65 -3.22
CA LYS A 62 -4.77 2.49 -2.84
C LYS A 62 -6.06 2.44 -3.66
N ILE A 63 -6.61 3.61 -4.00
CA ILE A 63 -7.80 3.65 -4.85
C ILE A 63 -7.42 3.13 -6.24
N VAL A 64 -6.31 3.62 -6.77
CA VAL A 64 -5.82 3.16 -8.08
C VAL A 64 -5.51 1.66 -8.11
N ALA A 65 -4.95 1.12 -7.04
CA ALA A 65 -4.71 -0.28 -6.93
C ALA A 65 -5.96 -1.09 -6.60
N ASN A 66 -7.12 -0.42 -6.47
CA ASN A 66 -8.40 -1.06 -6.10
C ASN A 66 -8.33 -1.87 -4.80
N GLU A 67 -7.67 -1.27 -3.80
CA GLU A 67 -7.46 -1.89 -2.49
C GLU A 67 -8.58 -1.69 -1.47
N TYR A 68 -9.47 -0.74 -1.73
CA TYR A 68 -10.57 -0.50 -0.79
C TYR A 68 -11.84 -1.30 -1.16
N LYS A 69 -12.28 -2.20 -0.26
CA LYS A 69 -13.49 -2.99 -0.50
C LYS A 69 -14.73 -2.20 -0.21
N SER A 70 -14.58 -1.18 0.66
CA SER A 70 -15.70 -0.43 1.21
C SER A 70 -15.38 0.99 1.52
N VAL A 71 -16.43 1.78 1.69
CA VAL A 71 -16.25 3.17 2.13
C VAL A 71 -15.72 3.20 3.55
N THR A 72 -16.15 2.24 4.36
CA THR A 72 -15.59 2.05 5.71
C THR A 72 -14.07 1.94 5.75
N GLU A 73 -13.49 1.15 4.83
CA GLU A 73 -12.05 1.01 4.80
C GLU A 73 -11.36 2.34 4.48
N PHE A 74 -11.89 3.06 3.50
CA PHE A 74 -11.37 4.39 3.13
C PHE A 74 -11.44 5.39 4.32
N LYS A 75 -12.59 5.40 4.98
CA LYS A 75 -12.81 6.27 6.12
C LYS A 75 -11.81 5.96 7.21
N ALA A 76 -11.43 4.68 7.39
CA ALA A 76 -10.47 4.28 8.44
C ALA A 76 -9.08 4.83 8.16
N ASP A 77 -8.63 4.76 6.89
CA ASP A 77 -7.38 5.48 6.50
C ASP A 77 -7.42 6.98 6.67
N PHE A 78 -8.52 7.59 6.24
CA PHE A 78 -8.70 9.01 6.46
C PHE A 78 -8.58 9.42 7.97
N LYS A 79 -9.28 8.68 8.80
CA LYS A 79 -9.23 8.90 10.25
C LYS A 79 -7.79 8.71 10.77
N LEU A 80 -7.12 7.65 10.35
CA LEU A 80 -5.77 7.38 10.80
C LEU A 80 -4.84 8.57 10.47
N MET A 81 -4.92 9.08 9.26
CA MET A 81 -4.16 10.26 8.86
C MET A 81 -4.39 11.46 9.80
N CYS A 82 -5.66 11.74 10.10
CA CYS A 82 -6.00 12.88 10.97
C CYS A 82 -5.55 12.62 12.41
N ASP A 83 -5.83 11.42 12.92
CA ASP A 83 -5.33 11.02 14.25
C ASP A 83 -3.81 11.11 14.45
N ASN A 84 -3.03 10.68 13.46
CA ASN A 84 -1.59 10.89 13.44
C ASN A 84 -1.22 12.36 13.63
N ALA A 85 -1.83 13.20 12.81
CA ALA A 85 -1.52 14.63 12.86
C ALA A 85 -1.84 15.24 14.22
N MET A 86 -2.93 14.78 14.85
CA MET A 86 -3.34 15.33 16.14
C MET A 86 -2.56 14.69 17.29
N THR A 87 -1.76 13.66 16.98
CA THR A 87 -0.84 13.04 17.98
C THR A 87 0.57 13.55 17.86
N TYR A 88 1.09 13.67 16.66
CA TYR A 88 2.42 14.26 16.51
C TYR A 88 2.48 15.76 16.88
N ASN A 89 1.42 16.50 16.56
CA ASN A 89 1.41 17.93 16.65
C ASN A 89 0.62 18.39 17.88
N ARG A 90 1.11 19.45 18.54
CA ARG A 90 0.41 20.04 19.65
C ARG A 90 -0.83 20.80 19.14
N PRO A 91 -1.86 20.95 19.99
CA PRO A 91 -3.09 21.66 19.62
C PRO A 91 -2.93 23.08 19.04
N ASP A 92 -1.88 23.79 19.44
CA ASP A 92 -1.65 25.15 18.97
C ASP A 92 -1.04 25.23 17.57
N THR A 93 -0.82 24.10 16.91
CA THR A 93 -0.27 24.13 15.56
C THR A 93 -1.34 24.18 14.48
N VAL A 94 -0.90 24.67 13.33
CA VAL A 94 -1.68 24.67 12.10
C VAL A 94 -2.02 23.23 11.64
N TYR A 95 -1.13 22.29 11.95
CA TYR A 95 -1.32 20.92 11.50
C TYR A 95 -2.38 20.26 12.33
N TYR A 96 -2.33 20.48 13.64
CA TYR A 96 -3.30 19.91 14.51
C TYR A 96 -4.69 20.49 14.18
N LYS A 97 -4.78 21.80 13.98
CA LYS A 97 -6.09 22.45 13.76
C LYS A 97 -6.75 22.05 12.44
N LEU A 98 -5.95 22.03 11.38
CA LEU A 98 -6.44 21.59 10.10
C LEU A 98 -6.83 20.10 10.13
N ALA A 99 -6.05 19.23 10.81
CA ALA A 99 -6.41 17.82 10.90
C ALA A 99 -7.81 17.66 11.48
N LYS A 100 -8.05 18.40 12.57
CA LYS A 100 -9.30 18.32 13.30
C LYS A 100 -10.46 18.79 12.42
N LYS A 101 -10.29 19.93 11.76
CA LYS A 101 -11.29 20.42 10.79
C LYS A 101 -11.61 19.43 9.68
N ILE A 102 -10.55 18.89 9.07
CA ILE A 102 -10.65 17.88 8.04
C ILE A 102 -11.42 16.64 8.48
N LEU A 103 -11.09 16.15 9.67
CA LEU A 103 -11.69 14.94 10.24
C LEU A 103 -13.20 15.09 10.32
N HIS A 104 -13.62 16.24 10.84
CA HIS A 104 -15.05 16.49 10.95
C HIS A 104 -15.74 16.61 9.62
N ALA A 105 -15.10 17.30 8.69
CA ALA A 105 -15.67 17.42 7.35
C ALA A 105 -15.85 16.06 6.68
N GLY A 106 -14.84 15.21 6.81
CA GLY A 106 -14.91 13.88 6.25
C GLY A 106 -16.01 13.04 6.85
N PHE A 107 -16.16 13.11 8.17
CA PHE A 107 -17.20 12.31 8.78
C PHE A 107 -18.60 12.83 8.51
N LYS A 108 -18.76 14.11 8.23
CA LYS A 108 -20.07 14.59 7.76
C LYS A 108 -20.34 14.10 6.32
N MET A 109 -19.32 14.19 5.47
CA MET A 109 -19.43 13.84 4.03
C MET A 109 -19.80 12.39 3.82
N MET A 110 -19.20 11.54 4.63
CA MET A 110 -19.33 10.10 4.52
C MET A 110 -20.06 9.51 5.73
N SER A 111 -21.02 10.28 6.31
CA SER A 111 -21.88 9.78 7.39
C SER A 111 -22.77 8.63 6.95
N LYS A 112 -23.15 7.79 7.89
CA LYS A 112 -24.11 6.71 7.66
C LYS A 112 -25.37 7.23 6.92
N GLU A 113 -25.87 8.38 7.37
CA GLU A 113 -27.05 9.03 6.77
C GLU A 113 -26.80 9.42 5.32
N ARG A 114 -25.65 10.02 5.05
CA ARG A 114 -25.31 10.35 3.65
C ARG A 114 -25.20 9.10 2.79
N LEU A 115 -24.62 8.03 3.35
CA LEU A 115 -24.38 6.81 2.55
C LEU A 115 -25.68 6.05 2.33
N LEU A 116 -26.57 6.10 3.32
CA LEU A 116 -27.91 5.53 3.13
C LEU A 116 -28.66 6.20 2.01
N ALA A 117 -28.59 7.52 1.95
CA ALA A 117 -29.30 8.24 0.91
C ALA A 117 -28.68 7.94 -0.44
N LEU A 118 -27.38 7.78 -0.50
CA LEU A 118 -26.69 7.39 -1.76
C LEU A 118 -27.09 5.96 -2.18
N LYS A 119 -27.08 5.03 -1.23
CA LYS A 119 -27.61 3.68 -1.52
C LYS A 119 -29.01 3.69 -2.11
N ARG A 120 -29.91 4.51 -1.55
CA ARG A 120 -31.26 4.57 -2.10
C ARG A 120 -31.26 5.07 -3.56
N SER A 121 -30.36 5.99 -3.87
CA SER A 121 -30.29 6.58 -5.22
C SER A 121 -29.66 5.61 -6.26
N MET A 122 -29.00 4.58 -5.75
CA MET A 122 -28.45 3.48 -6.53
C MET A 122 -29.45 2.50 -7.04
N SER A 123 -30.66 2.59 -6.52
CA SER A 123 -31.80 1.82 -6.99
C SER A 123 -32.43 2.39 -8.29
N SER B 11 -1.33 -28.85 -12.06
CA SER B 11 -0.99 -28.09 -10.84
C SER B 11 -1.17 -28.90 -9.56
N THR B 12 -0.54 -28.42 -8.50
CA THR B 12 -0.51 -29.12 -7.22
C THR B 12 -1.02 -28.14 -6.17
N PRO B 13 -1.29 -28.63 -4.96
CA PRO B 13 -1.78 -27.69 -3.98
C PRO B 13 -0.78 -26.55 -3.65
N ILE B 14 0.49 -26.87 -3.47
CA ILE B 14 1.44 -25.81 -3.15
C ILE B 14 1.52 -24.82 -4.29
N GLN B 15 1.48 -25.28 -5.54
CA GLN B 15 1.50 -24.31 -6.66
C GLN B 15 0.28 -23.39 -6.63
N GLN B 16 -0.88 -23.96 -6.35
CA GLN B 16 -2.09 -23.14 -6.17
C GLN B 16 -2.00 -22.13 -5.04
N LEU B 17 -1.44 -22.48 -3.87
CA LEU B 17 -1.27 -21.51 -2.74
C LEU B 17 -0.28 -20.38 -3.10
N LEU B 18 0.80 -20.74 -3.76
CA LEU B 18 1.80 -19.74 -4.19
C LEU B 18 1.23 -18.81 -5.28
N GLU B 19 0.44 -19.34 -6.21
CA GLU B 19 -0.18 -18.52 -7.25
C GLU B 19 -1.07 -17.50 -6.56
N HIS B 20 -1.73 -17.94 -5.50
CA HIS B 20 -2.62 -17.05 -4.72
C HIS B 20 -1.87 -15.91 -4.10
N PHE B 21 -0.80 -16.21 -3.38
CA PHE B 21 0.01 -15.22 -2.74
C PHE B 21 0.55 -14.24 -3.84
N LEU B 22 1.02 -14.81 -4.96
CA LEU B 22 1.58 -13.97 -6.04
C LEU B 22 0.52 -13.02 -6.62
N ARG B 23 -0.67 -13.53 -6.89
CA ARG B 23 -1.72 -12.71 -7.43
C ARG B 23 -2.02 -11.53 -6.48
N GLN B 24 -2.04 -11.79 -5.18
CA GLN B 24 -2.37 -10.77 -4.17
C GLN B 24 -1.28 -9.73 -4.07
N LEU B 25 -0.04 -10.15 -4.16
CA LEU B 25 1.11 -9.21 -4.20
C LEU B 25 1.06 -8.29 -5.47
N GLN B 26 0.78 -8.89 -6.61
CA GLN B 26 0.76 -8.14 -7.89
C GLN B 26 -0.33 -7.08 -7.94
N ARG B 27 -1.41 -7.31 -7.19
CA ARG B 27 -2.47 -6.31 -7.06
C ARG B 27 -1.97 -4.98 -6.49
N LYS B 28 -0.88 -5.01 -5.73
CA LYS B 28 -0.30 -3.82 -5.13
C LYS B 28 0.50 -2.96 -6.15
N ASP B 29 0.83 -3.56 -7.31
CA ASP B 29 1.64 -2.96 -8.41
C ASP B 29 0.76 -2.89 -9.68
N PRO B 30 -0.29 -2.05 -9.68
CA PRO B 30 -1.22 -2.09 -10.80
C PRO B 30 -0.54 -1.72 -12.13
N HIS B 31 0.52 -0.91 -12.08
CA HIS B 31 1.23 -0.50 -13.31
C HIS B 31 2.27 -1.52 -13.84
N GLY B 32 2.55 -2.56 -13.06
CA GLY B 32 3.48 -3.61 -13.47
C GLY B 32 4.96 -3.22 -13.46
N PHE B 33 5.34 -2.31 -12.58
CA PHE B 33 6.78 -1.95 -12.46
C PHE B 33 7.67 -3.10 -12.03
N PHE B 34 7.07 -4.08 -11.31
CA PHE B 34 7.74 -5.27 -10.83
C PHE B 34 7.44 -6.54 -11.65
N ALA B 35 6.76 -6.38 -12.78
CA ALA B 35 6.29 -7.51 -13.59
C ALA B 35 7.38 -8.18 -14.44
N PHE B 36 8.39 -7.39 -14.86
CA PHE B 36 9.44 -7.83 -15.75
C PHE B 36 10.83 -7.45 -15.16
N PRO B 37 11.85 -8.17 -15.59
CA PRO B 37 13.17 -7.79 -15.14
C PRO B 37 13.63 -6.37 -15.41
N VAL B 38 14.31 -5.80 -14.43
CA VAL B 38 15.06 -4.54 -14.62
C VAL B 38 16.35 -4.85 -15.33
N THR B 39 16.58 -4.17 -16.45
CA THR B 39 17.83 -4.26 -17.19
C THR B 39 18.62 -2.95 -17.08
N ASP B 40 19.91 -3.01 -17.46
CA ASP B 40 20.69 -1.79 -17.48
C ASP B 40 20.25 -0.77 -18.52
N ALA B 41 19.57 -1.24 -19.56
CA ALA B 41 18.89 -0.39 -20.54
C ALA B 41 17.75 0.40 -19.89
N ILE B 42 17.08 -0.20 -18.92
CA ILE B 42 16.02 0.50 -18.20
C ILE B 42 16.56 1.42 -17.08
N ALA B 43 17.48 0.93 -16.26
CA ALA B 43 17.88 1.63 -15.02
C ALA B 43 19.39 1.69 -15.02
N PRO B 44 19.94 2.93 -15.09
CA PRO B 44 21.37 3.09 -15.28
C PRO B 44 22.16 2.39 -14.23
N GLY B 45 23.08 1.54 -14.65
CA GLY B 45 24.04 0.92 -13.75
C GLY B 45 23.48 -0.18 -12.84
N TYR B 46 22.33 -0.74 -13.19
CA TYR B 46 21.64 -1.68 -12.28
C TYR B 46 22.48 -2.90 -11.89
N SER B 47 23.10 -3.55 -12.88
CA SER B 47 23.86 -4.76 -12.68
C SER B 47 25.12 -4.52 -11.83
N MET B 48 25.49 -3.25 -11.65
CA MET B 48 26.62 -2.94 -10.77
C MET B 48 26.25 -3.08 -9.28
N ILE B 49 25.04 -2.58 -8.92
CA ILE B 49 24.57 -2.56 -7.54
C ILE B 49 23.91 -3.90 -7.18
N ILE B 50 23.12 -4.43 -8.12
CA ILE B 50 22.23 -5.58 -7.84
C ILE B 50 22.75 -6.86 -8.52
N LYS B 51 23.15 -7.82 -7.71
CA LYS B 51 23.76 -9.05 -8.23
C LYS B 51 22.79 -10.19 -8.55
N HIS B 52 21.63 -10.18 -7.92
CA HIS B 52 20.67 -11.26 -8.06
C HIS B 52 19.31 -10.59 -8.34
N PRO B 53 19.04 -10.22 -9.60
CA PRO B 53 17.74 -9.57 -9.91
C PRO B 53 16.58 -10.52 -9.74
N MET B 54 15.41 -9.96 -9.43
CA MET B 54 14.19 -10.75 -9.32
C MET B 54 12.99 -9.89 -9.65
N ASP B 55 11.91 -10.52 -10.15
CA ASP B 55 10.70 -9.81 -10.54
C ASP B 55 9.54 -10.80 -10.49
N PHE B 56 8.33 -10.29 -10.49
CA PHE B 56 7.14 -11.14 -10.46
C PHE B 56 6.95 -12.17 -11.59
N GLY B 57 7.39 -11.84 -12.82
CA GLY B 57 7.35 -12.73 -13.97
C GLY B 57 8.20 -13.95 -13.76
N THR B 58 9.39 -13.73 -13.23
CA THR B 58 10.29 -14.81 -12.91
C THR B 58 9.73 -15.70 -11.84
N MET B 59 9.15 -15.09 -10.83
CA MET B 59 8.52 -15.84 -9.75
C MET B 59 7.36 -16.68 -10.27
N LYS B 60 6.52 -16.14 -11.14
CA LYS B 60 5.43 -16.90 -11.73
C LYS B 60 5.95 -18.14 -12.53
N ASP B 61 6.97 -17.91 -13.34
CA ASP B 61 7.61 -18.98 -14.11
C ASP B 61 8.13 -20.11 -13.19
N LYS B 62 8.74 -19.76 -12.06
CA LYS B 62 9.24 -20.72 -11.09
C LYS B 62 8.10 -21.50 -10.40
N ILE B 63 7.00 -20.83 -10.05
CA ILE B 63 5.79 -21.57 -9.55
C ILE B 63 5.31 -22.60 -10.58
N VAL B 64 5.12 -22.17 -11.82
CA VAL B 64 4.58 -23.02 -12.87
C VAL B 64 5.54 -24.25 -13.07
N ALA B 65 6.85 -24.01 -12.98
CA ALA B 65 7.86 -25.07 -13.14
C ALA B 65 8.06 -25.92 -11.88
N ASN B 66 7.35 -25.57 -10.81
CA ASN B 66 7.37 -26.27 -9.53
C ASN B 66 8.74 -26.24 -8.84
N GLU B 67 9.44 -25.11 -8.98
CA GLU B 67 10.78 -24.93 -8.42
C GLU B 67 10.80 -24.60 -6.91
N TYR B 68 9.68 -24.13 -6.34
CA TYR B 68 9.64 -23.74 -4.96
C TYR B 68 9.15 -24.93 -4.11
N LYS B 69 9.96 -25.32 -3.13
CA LYS B 69 9.56 -26.44 -2.25
C LYS B 69 8.80 -26.04 -1.01
N SER B 70 8.75 -24.76 -0.72
CA SER B 70 8.19 -24.27 0.51
C SER B 70 7.85 -22.81 0.31
N VAL B 71 6.99 -22.31 1.18
CA VAL B 71 6.67 -20.91 1.22
C VAL B 71 7.90 -20.12 1.53
N THR B 72 8.79 -20.67 2.37
CA THR B 72 10.03 -19.97 2.70
C THR B 72 10.83 -19.64 1.43
N GLU B 73 10.94 -20.60 0.52
CA GLU B 73 11.70 -20.40 -0.71
C GLU B 73 11.05 -19.29 -1.55
N PHE B 74 9.72 -19.32 -1.61
CA PHE B 74 8.95 -18.29 -2.35
C PHE B 74 9.11 -16.92 -1.74
N LYS B 75 8.99 -16.87 -0.42
CA LYS B 75 9.18 -15.64 0.27
C LYS B 75 10.56 -15.04 0.09
N ALA B 76 11.56 -15.89 0.01
CA ALA B 76 12.90 -15.44 -0.16
C ALA B 76 13.03 -14.68 -1.49
N ASP B 77 12.43 -15.19 -2.54
CA ASP B 77 12.41 -14.45 -3.82
C ASP B 77 11.67 -13.10 -3.75
N PHE B 78 10.50 -13.12 -3.11
CA PHE B 78 9.69 -11.91 -2.87
C PHE B 78 10.50 -10.86 -2.13
N LYS B 79 11.16 -11.25 -1.04
CA LYS B 79 11.95 -10.31 -0.29
C LYS B 79 13.18 -9.81 -1.05
N LEU B 80 13.81 -10.67 -1.84
CA LEU B 80 14.91 -10.28 -2.71
C LEU B 80 14.48 -9.20 -3.70
N MET B 81 13.33 -9.39 -4.33
CA MET B 81 12.81 -8.44 -5.29
C MET B 81 12.66 -7.05 -4.64
N CYS B 82 12.05 -7.04 -3.45
CA CYS B 82 11.79 -5.79 -2.71
C CYS B 82 13.11 -5.11 -2.22
N ASP B 83 13.97 -5.93 -1.63
CA ASP B 83 15.32 -5.52 -1.19
C ASP B 83 16.14 -4.91 -2.30
N ASN B 84 16.18 -5.54 -3.46
CA ASN B 84 16.83 -4.96 -4.62
C ASN B 84 16.36 -3.55 -4.93
N ALA B 85 15.03 -3.37 -4.99
CA ALA B 85 14.46 -2.04 -5.26
C ALA B 85 14.75 -0.98 -4.18
N MET B 86 14.74 -1.39 -2.94
CA MET B 86 15.07 -0.51 -1.83
C MET B 86 16.57 -0.22 -1.73
N THR B 87 17.42 -1.01 -2.37
CA THR B 87 18.89 -0.69 -2.42
C THR B 87 19.22 0.19 -3.59
N TYR B 88 18.69 -0.12 -4.78
CA TYR B 88 19.02 0.62 -5.96
C TYR B 88 18.41 2.02 -6.03
N ASN B 89 17.14 2.14 -5.62
CA ASN B 89 16.44 3.38 -5.78
C ASN B 89 16.45 4.22 -4.50
N ARG B 90 16.45 5.52 -4.66
CA ARG B 90 16.41 6.42 -3.51
C ARG B 90 15.05 6.37 -2.81
N PRO B 91 15.06 6.70 -1.52
CA PRO B 91 13.83 6.60 -0.76
C PRO B 91 12.70 7.47 -1.32
N ASP B 92 13.06 8.58 -2.00
CA ASP B 92 12.07 9.50 -2.58
C ASP B 92 11.54 9.09 -3.97
N THR B 93 11.61 7.82 -4.32
CA THR B 93 11.20 7.37 -5.65
C THR B 93 9.97 6.48 -5.56
N VAL B 94 9.22 6.43 -6.65
CA VAL B 94 8.06 5.57 -6.74
C VAL B 94 8.44 4.09 -6.53
N TYR B 95 9.59 3.73 -7.06
CA TYR B 95 10.00 2.33 -7.02
C TYR B 95 10.31 1.90 -5.60
N TYR B 96 11.03 2.73 -4.83
CA TYR B 96 11.28 2.45 -3.40
C TYR B 96 9.97 2.35 -2.64
N LYS B 97 9.08 3.32 -2.81
CA LYS B 97 7.85 3.37 -2.00
C LYS B 97 6.98 2.14 -2.27
N LEU B 98 6.89 1.75 -3.53
CA LEU B 98 6.12 0.59 -3.96
C LEU B 98 6.71 -0.72 -3.44
N ALA B 99 8.05 -0.81 -3.46
CA ALA B 99 8.70 -1.98 -2.87
C ALA B 99 8.37 -2.15 -1.40
N LYS B 100 8.42 -1.04 -0.67
CA LYS B 100 8.08 -1.03 0.76
C LYS B 100 6.64 -1.45 0.95
N LYS B 101 5.74 -0.89 0.14
CA LYS B 101 4.35 -1.33 0.11
C LYS B 101 4.13 -2.84 -0.15
N ILE B 102 4.82 -3.39 -1.13
CA ILE B 102 4.75 -4.83 -1.43
C ILE B 102 5.31 -5.67 -0.25
N LEU B 103 6.42 -5.23 0.29
CA LEU B 103 7.13 -5.96 1.36
C LEU B 103 6.20 -6.05 2.56
N HIS B 104 5.57 -4.93 2.92
CA HIS B 104 4.62 -4.96 4.06
C HIS B 104 3.46 -5.93 3.83
N ALA B 105 2.85 -5.87 2.64
CA ALA B 105 1.75 -6.76 2.30
C ALA B 105 2.14 -8.24 2.39
N GLY B 106 3.32 -8.54 1.89
CA GLY B 106 3.77 -9.89 1.86
C GLY B 106 4.12 -10.36 3.28
N PHE B 107 4.77 -9.55 4.08
CA PHE B 107 5.06 -9.96 5.49
C PHE B 107 3.79 -10.25 6.26
N LYS B 108 2.75 -9.46 6.00
CA LYS B 108 1.45 -9.75 6.59
C LYS B 108 0.83 -11.05 6.13
N MET B 109 0.73 -11.22 4.82
CA MET B 109 0.09 -12.35 4.22
C MET B 109 0.74 -13.71 4.53
N MET B 110 2.06 -13.73 4.65
CA MET B 110 2.85 -14.95 4.77
C MET B 110 3.56 -14.95 6.12
N SER B 111 3.03 -14.23 7.10
CA SER B 111 3.62 -14.24 8.47
C SER B 111 3.59 -15.67 9.06
N LYS B 112 4.43 -15.91 10.05
CA LYS B 112 4.48 -17.23 10.72
C LYS B 112 3.14 -17.56 11.32
N GLU B 113 2.45 -16.53 11.84
CA GLU B 113 1.17 -16.76 12.47
C GLU B 113 0.10 -17.08 11.43
N ARG B 114 0.13 -16.41 10.29
CA ARG B 114 -0.84 -16.72 9.25
C ARG B 114 -0.65 -18.14 8.72
N LEU B 115 0.59 -18.53 8.52
CA LEU B 115 0.91 -19.86 8.01
C LEU B 115 0.52 -20.92 9.04
N LEU B 116 0.73 -20.61 10.33
CA LEU B 116 0.22 -21.50 11.40
C LEU B 116 -1.27 -21.76 11.24
N ALA B 117 -2.04 -20.68 11.13
CA ALA B 117 -3.51 -20.75 10.97
C ALA B 117 -3.89 -21.62 9.76
N LEU B 118 -3.19 -21.41 8.67
CA LEU B 118 -3.37 -22.23 7.47
C LEU B 118 -3.06 -23.72 7.73
N LYS B 119 -1.97 -24.01 8.42
CA LYS B 119 -1.62 -25.38 8.72
C LYS B 119 -2.71 -26.05 9.57
N ARG B 120 -3.26 -25.29 10.53
CA ARG B 120 -4.28 -25.78 11.43
C ARG B 120 -5.55 -26.17 10.64
N SER B 121 -5.87 -25.39 9.64
CA SER B 121 -7.04 -25.64 8.79
C SER B 121 -6.80 -26.83 7.80
N MET B 122 -5.55 -27.29 7.65
CA MET B 122 -5.21 -28.44 6.78
C MET B 122 -5.34 -29.76 7.51
N SER B 123 -5.91 -29.75 8.68
CA SER B 123 -6.36 -30.99 9.31
C SER B 123 -7.77 -31.40 8.95
#